data_4XMR
#
_entry.id   4XMR
#
_cell.length_a   42.620
_cell.length_b   138.010
_cell.length_c   49.020
_cell.angle_alpha   90.000
_cell.angle_beta   94.330
_cell.angle_gamma   90.000
#
_symmetry.space_group_name_H-M   'P 1 21 1'
#
loop_
_entity.id
_entity.type
_entity.pdbx_description
1 polymer 'Putative methyl-accepting chemotaxis signal transduction protein'
2 non-polymer ISOLEUCINE
3 non-polymer 'SULFATE ION'
4 water water
#
_entity_poly.entity_id   1
_entity_poly.type   'polypeptide(L)'
_entity_poly.pdbx_seq_one_letter_code
;GIDPFTKTSLYESTLKNQTDLLKVTQSTVEDFRSTNQSFTRALEKDIANLPYQSLITEENIINNVGPILKYYRHSINALN
VYLGLNNGKVLLSQKSNDAKMPELRDDLDIKTKDWYQEALKTNDIFVTPAYLDTVLKQYVITYSKAIYKDGKIIGVLGVD
IPSEDLQNLVAKTPGNTFLFDQKNKIFAATNKELLNPSIDHSPVLNAYKLNGDNNFFSYKLNNEERLGACTKVFAYTACI
TESADIINKPIYKA
;
_entity_poly.pdbx_strand_id   A,B
#
# COMPACT_ATOMS: atom_id res chain seq x y z
N GLY A 1 20.65 30.67 -17.73
CA GLY A 1 21.96 30.18 -17.36
C GLY A 1 22.70 30.07 -18.67
N ILE A 2 23.57 30.96 -19.09
CA ILE A 2 23.39 31.47 -20.42
C ILE A 2 23.38 30.39 -21.52
N ASP A 3 24.31 29.44 -21.60
CA ASP A 3 24.50 28.80 -22.93
C ASP A 3 23.23 27.98 -23.17
N PRO A 4 22.60 28.11 -24.31
CA PRO A 4 21.36 27.36 -24.55
C PRO A 4 21.53 25.86 -24.37
N PHE A 5 22.71 25.34 -24.66
CA PHE A 5 23.00 23.93 -24.43
C PHE A 5 22.82 23.58 -22.95
N THR A 6 23.37 24.42 -22.09
CA THR A 6 23.31 24.16 -20.65
C THR A 6 21.89 24.32 -20.12
N LYS A 7 21.19 25.38 -20.54
CA LYS A 7 19.81 25.55 -20.10
C LYS A 7 18.92 24.39 -20.54
N THR A 8 19.11 23.94 -21.77
CA THR A 8 18.36 22.78 -22.27
C THR A 8 18.63 21.54 -21.42
N SER A 9 19.89 21.33 -21.03
CA SER A 9 20.24 20.18 -20.20
C SER A 9 19.55 20.24 -18.84
N LEU A 10 19.46 21.43 -18.27
CA LEU A 10 18.84 21.63 -16.97
C LEU A 10 17.34 21.41 -17.07
N TYR A 11 16.76 21.94 -18.14
CA TYR A 11 15.34 21.82 -18.37
C TYR A 11 14.93 20.36 -18.58
N GLU A 12 15.65 19.65 -19.43
CA GLU A 12 15.31 18.26 -19.72
C GLU A 12 15.45 17.37 -18.49
N SER A 13 16.47 17.66 -17.68
CA SER A 13 16.70 16.95 -16.43
C SER A 13 15.56 17.19 -15.44
N THR A 14 15.20 18.45 -15.21
CA THR A 14 14.19 18.73 -14.21
C THR A 14 12.80 18.27 -14.69
N LEU A 15 12.57 18.33 -15.99
CA LEU A 15 11.34 17.78 -16.55
C LEU A 15 11.19 16.31 -16.18
N LYS A 16 12.24 15.51 -16.42
CA LYS A 16 12.19 14.09 -16.13
C LYS A 16 12.00 13.85 -14.63
N ASN A 17 12.74 14.58 -13.82
N ASN A 17 12.72 14.61 -13.82
CA ASN A 17 12.63 14.44 -12.37
CA ASN A 17 12.66 14.47 -12.35
C ASN A 17 11.19 14.69 -11.91
C ASN A 17 11.26 14.75 -11.81
N GLN A 18 10.69 15.88 -12.23
CA GLN A 18 9.38 16.29 -11.73
C GLN A 18 8.27 15.37 -12.24
N THR A 19 8.40 14.92 -13.49
N THR A 19 8.39 14.91 -13.48
CA THR A 19 7.46 13.96 -14.04
CA THR A 19 7.42 13.95 -14.00
C THR A 19 7.50 12.64 -13.26
C THR A 19 7.49 12.61 -13.27
N ASP A 20 8.69 12.18 -12.90
CA ASP A 20 8.85 10.98 -12.07
C ASP A 20 8.12 11.14 -10.74
N LEU A 21 8.30 12.29 -10.09
CA LEU A 21 7.69 12.51 -8.78
C LEU A 21 6.18 12.64 -8.89
N LEU A 22 5.71 13.26 -9.96
CA LEU A 22 4.27 13.33 -10.19
C LEU A 22 3.70 11.91 -10.29
N LYS A 23 4.42 11.04 -10.97
N LYS A 23 4.41 11.03 -10.97
CA LYS A 23 3.99 9.65 -11.15
CA LYS A 23 3.97 9.65 -11.13
C LYS A 23 3.89 8.92 -9.81
C LYS A 23 3.88 8.91 -9.80
N VAL A 24 4.79 9.22 -8.88
CA VAL A 24 4.72 8.62 -7.56
C VAL A 24 3.42 9.02 -6.85
N THR A 25 3.03 10.28 -6.96
CA THR A 25 1.77 10.73 -6.38
C THR A 25 0.56 10.08 -7.07
N GLN A 26 0.60 9.99 -8.40
CA GLN A 26 -0.41 9.24 -9.15
C GLN A 26 -0.52 7.80 -8.64
N SER A 27 0.61 7.13 -8.48
CA SER A 27 0.64 5.74 -8.02
C SER A 27 0.04 5.61 -6.63
N THR A 28 0.29 6.60 -5.78
CA THR A 28 -0.24 6.61 -4.43
C THR A 28 -1.77 6.58 -4.45
N VAL A 29 -2.36 7.43 -5.27
CA VAL A 29 -3.79 7.50 -5.41
C VAL A 29 -4.33 6.19 -5.99
N GLU A 30 -3.70 5.68 -7.04
CA GLU A 30 -4.13 4.43 -7.65
C GLU A 30 -4.10 3.27 -6.68
N ASP A 31 -3.03 3.15 -5.90
CA ASP A 31 -2.86 2.00 -5.03
C ASP A 31 -3.85 2.05 -3.86
N PHE A 32 -4.12 3.24 -3.36
CA PHE A 32 -5.12 3.42 -2.30
C PHE A 32 -6.46 2.90 -2.80
N ARG A 33 -6.85 3.33 -4.00
N ARG A 33 -6.85 3.32 -4.01
CA ARG A 33 -8.13 2.92 -4.58
CA ARG A 33 -8.12 2.90 -4.56
C ARG A 33 -8.16 1.41 -4.83
C ARG A 33 -8.18 1.38 -4.79
N SER A 34 -7.12 0.88 -5.44
N SER A 34 -7.20 0.81 -5.46
N SER A 34 -7.13 0.82 -5.39
CA SER A 34 -7.08 -0.54 -5.80
CA SER A 34 -7.23 -0.60 -5.80
CA SER A 34 -7.21 -0.58 -5.78
C SER A 34 -7.17 -1.45 -4.59
C SER A 34 -7.18 -1.51 -4.57
C SER A 34 -7.21 -1.48 -4.55
N THR A 35 -6.47 -1.10 -3.53
CA THR A 35 -6.45 -1.88 -2.30
C THR A 35 -7.85 -1.90 -1.68
N ASN A 36 -8.51 -0.75 -1.67
CA ASN A 36 -9.85 -0.69 -1.11
C ASN A 36 -10.85 -1.44 -1.97
N GLN A 37 -10.69 -1.40 -3.29
CA GLN A 37 -11.56 -2.17 -4.18
C GLN A 37 -11.37 -3.67 -3.99
N SER A 38 -10.14 -4.13 -3.88
N SER A 38 -10.14 -4.14 -3.89
CA SER A 38 -9.88 -5.55 -3.68
CA SER A 38 -9.93 -5.57 -3.71
C SER A 38 -10.51 -6.05 -2.39
C SER A 38 -10.50 -6.07 -2.38
N PHE A 39 -10.38 -5.25 -1.34
CA PHE A 39 -10.97 -5.55 -0.04
C PHE A 39 -12.49 -5.69 -0.15
N THR A 40 -13.10 -4.72 -0.83
CA THR A 40 -14.55 -4.70 -0.98
C THR A 40 -15.03 -5.91 -1.77
N ARG A 41 -14.30 -6.26 -2.83
N ARG A 41 -14.32 -6.24 -2.84
CA ARG A 41 -14.66 -7.41 -3.63
CA ARG A 41 -14.62 -7.41 -3.66
C ARG A 41 -14.55 -8.73 -2.86
C ARG A 41 -14.53 -8.71 -2.86
N ALA A 42 -13.52 -8.83 -2.02
CA ALA A 42 -13.36 -10.02 -1.20
C ALA A 42 -14.52 -10.16 -0.21
N LEU A 43 -14.93 -9.04 0.37
CA LEU A 43 -16.04 -9.04 1.32
C LEU A 43 -17.34 -9.43 0.61
N GLU A 44 -17.56 -8.86 -0.56
CA GLU A 44 -18.72 -9.23 -1.37
C GLU A 44 -18.76 -10.74 -1.57
N LYS A 45 -17.62 -11.33 -1.93
CA LYS A 45 -17.57 -12.76 -2.21
C LYS A 45 -17.89 -13.58 -0.97
N ASP A 46 -17.36 -13.19 0.18
CA ASP A 46 -17.62 -13.93 1.42
C ASP A 46 -19.10 -13.86 1.82
N ILE A 47 -19.73 -12.70 1.63
CA ILE A 47 -21.15 -12.57 1.94
C ILE A 47 -22.00 -13.39 0.97
N ALA A 48 -21.73 -13.29 -0.32
CA ALA A 48 -22.53 -13.99 -1.32
C ALA A 48 -22.36 -15.50 -1.25
N ASN A 49 -21.23 -15.94 -0.68
N ASN A 49 -21.24 -15.94 -0.66
CA ASN A 49 -20.99 -17.37 -0.53
CA ASN A 49 -20.99 -17.37 -0.53
C ASN A 49 -21.80 -18.03 0.57
C ASN A 49 -21.82 -18.03 0.56
N LEU A 50 -22.37 -17.22 1.45
CA LEU A 50 -23.26 -17.77 2.48
C LEU A 50 -24.50 -18.41 1.83
N PRO A 51 -25.06 -19.47 2.43
CA PRO A 51 -26.30 -20.02 1.89
C PRO A 51 -27.43 -19.00 2.02
N TYR A 52 -28.44 -19.11 1.15
CA TYR A 52 -29.54 -18.16 1.20
C TYR A 52 -30.18 -18.14 2.58
N GLN A 53 -30.29 -19.31 3.22
CA GLN A 53 -30.93 -19.35 4.53
C GLN A 53 -30.29 -18.35 5.49
N SER A 54 -28.98 -18.17 5.36
CA SER A 54 -28.25 -17.24 6.25
C SER A 54 -28.45 -15.77 5.92
N LEU A 55 -29.08 -15.50 4.77
CA LEU A 55 -29.21 -14.15 4.23
C LEU A 55 -30.64 -13.63 4.18
N ILE A 56 -31.62 -14.49 4.39
CA ILE A 56 -33.02 -14.14 4.08
C ILE A 56 -33.89 -13.77 5.27
N THR A 57 -33.34 -13.81 6.47
CA THR A 57 -34.01 -13.17 7.61
C THR A 57 -33.07 -12.13 8.21
N GLU A 58 -33.67 -11.11 8.81
CA GLU A 58 -32.88 -10.03 9.40
C GLU A 58 -32.03 -10.55 10.55
N GLU A 59 -32.56 -11.44 11.36
CA GLU A 59 -31.79 -11.99 12.46
C GLU A 59 -30.60 -12.80 11.93
N ASN A 60 -30.81 -13.55 10.86
CA ASN A 60 -29.70 -14.30 10.27
C ASN A 60 -28.64 -13.39 9.67
N ILE A 61 -29.07 -12.30 9.03
CA ILE A 61 -28.13 -11.28 8.54
C ILE A 61 -27.27 -10.76 9.70
N ILE A 62 -27.92 -10.39 10.81
CA ILE A 62 -27.19 -9.90 11.98
C ILE A 62 -26.17 -10.93 12.45
N ASN A 63 -26.59 -12.16 12.61
CA ASN A 63 -25.74 -13.17 13.23
C ASN A 63 -24.68 -13.79 12.31
N ASN A 64 -24.95 -13.81 11.00
CA ASN A 64 -24.08 -14.45 10.03
C ASN A 64 -23.23 -13.48 9.23
N VAL A 65 -23.81 -12.36 8.83
CA VAL A 65 -23.05 -11.35 8.11
C VAL A 65 -22.32 -10.41 9.08
N GLY A 66 -22.94 -10.11 10.22
CA GLY A 66 -22.32 -9.20 11.18
C GLY A 66 -20.87 -9.51 11.53
N PRO A 67 -20.56 -10.77 11.87
CA PRO A 67 -19.17 -11.07 12.22
C PRO A 67 -18.22 -10.85 11.04
N ILE A 68 -18.67 -11.13 9.82
CA ILE A 68 -17.83 -10.93 8.64
C ILE A 68 -17.52 -9.45 8.48
N LEU A 69 -18.54 -8.60 8.62
CA LEU A 69 -18.31 -7.16 8.51
C LEU A 69 -17.30 -6.68 9.55
N LYS A 70 -17.43 -7.17 10.77
CA LYS A 70 -16.57 -6.78 11.87
C LYS A 70 -15.11 -7.21 11.64
N TYR A 71 -14.89 -8.45 11.24
CA TYR A 71 -13.51 -8.90 11.00
C TYR A 71 -12.88 -8.14 9.87
N TYR A 72 -13.63 -7.95 8.78
CA TYR A 72 -13.10 -7.17 7.68
C TYR A 72 -12.81 -5.74 8.10
N ARG A 73 -13.72 -5.12 8.86
CA ARG A 73 -13.48 -3.77 9.32
C ARG A 73 -12.16 -3.69 10.09
N HIS A 74 -11.98 -4.62 11.01
CA HIS A 74 -10.79 -4.62 11.83
C HIS A 74 -9.53 -4.86 11.00
N SER A 75 -9.64 -5.73 10.00
CA SER A 75 -8.46 -6.12 9.24
C SER A 75 -7.79 -4.94 8.56
N ILE A 76 -8.58 -3.95 8.17
N ILE A 76 -8.56 -3.95 8.12
CA ILE A 76 -8.10 -2.81 7.42
CA ILE A 76 -7.96 -2.77 7.48
C ILE A 76 -8.25 -1.49 8.21
C ILE A 76 -8.17 -1.47 8.26
N ASN A 77 -8.77 -1.58 9.43
CA ASN A 77 -9.08 -0.40 10.24
C ASN A 77 -9.98 0.58 9.49
N ALA A 78 -11.03 0.05 8.86
CA ALA A 78 -12.04 0.90 8.23
C ALA A 78 -12.86 1.59 9.30
N LEU A 79 -13.54 2.68 8.94
CA LEU A 79 -14.36 3.39 9.90
C LEU A 79 -15.72 2.69 10.11
N ASN A 80 -16.35 2.31 9.00
CA ASN A 80 -17.65 1.63 9.02
C ASN A 80 -17.62 0.61 7.91
N VAL A 81 -18.29 -0.53 8.14
CA VAL A 81 -18.50 -1.54 7.11
C VAL A 81 -19.94 -2.01 7.31
N TYR A 82 -20.73 -2.07 6.24
CA TYR A 82 -22.16 -2.24 6.41
C TYR A 82 -22.82 -2.87 5.20
N LEU A 83 -24.04 -3.38 5.45
CA LEU A 83 -24.86 -3.97 4.39
C LEU A 83 -26.25 -3.38 4.45
N GLY A 84 -26.63 -2.63 3.42
CA GLY A 84 -27.94 -2.00 3.35
C GLY A 84 -28.96 -2.84 2.59
N LEU A 85 -30.17 -2.95 3.15
CA LEU A 85 -31.23 -3.80 2.60
C LEU A 85 -32.34 -3.00 1.97
N ASN A 86 -33.11 -3.66 1.11
CA ASN A 86 -34.18 -2.99 0.38
C ASN A 86 -35.35 -2.53 1.29
N ASN A 87 -35.40 -3.03 2.52
CA ASN A 87 -36.38 -2.52 3.47
C ASN A 87 -35.92 -1.25 4.19
N GLY A 88 -34.76 -0.72 3.80
CA GLY A 88 -34.27 0.52 4.36
C GLY A 88 -33.39 0.36 5.59
N LYS A 89 -33.26 -0.85 6.08
CA LYS A 89 -32.40 -1.10 7.23
C LYS A 89 -30.98 -1.39 6.78
N VAL A 90 -30.02 -1.07 7.64
CA VAL A 90 -28.63 -1.32 7.33
C VAL A 90 -27.95 -1.99 8.51
N LEU A 91 -27.26 -3.09 8.25
CA LEU A 91 -26.45 -3.75 9.28
C LEU A 91 -25.11 -3.02 9.32
N LEU A 92 -24.79 -2.41 10.45
CA LEU A 92 -23.66 -1.51 10.55
C LEU A 92 -22.65 -2.00 11.57
N SER A 93 -21.41 -2.21 11.11
CA SER A 93 -20.25 -2.44 11.97
C SER A 93 -19.43 -1.16 12.00
N GLN A 94 -19.39 -0.50 13.15
CA GLN A 94 -18.77 0.81 13.23
C GLN A 94 -17.66 0.82 14.25
N LYS A 95 -16.65 1.62 13.96
CA LYS A 95 -15.56 1.82 14.91
C LYS A 95 -16.13 2.47 16.16
N SER A 96 -15.63 2.04 17.32
CA SER A 96 -16.06 2.59 18.61
C SER A 96 -15.01 2.37 19.68
N MET A 101 -21.02 -4.89 18.80
CA MET A 101 -21.78 -5.87 18.03
C MET A 101 -22.61 -5.18 16.97
N PRO A 102 -22.40 -5.55 15.69
CA PRO A 102 -23.12 -4.89 14.59
C PRO A 102 -24.64 -4.91 14.79
N GLU A 103 -25.26 -3.77 14.51
CA GLU A 103 -26.68 -3.59 14.74
C GLU A 103 -27.39 -3.22 13.46
N LEU A 104 -28.67 -3.57 13.41
CA LEU A 104 -29.52 -3.25 12.28
C LEU A 104 -30.20 -1.91 12.54
N ARG A 105 -29.76 -0.88 11.82
CA ARG A 105 -30.24 0.49 12.01
C ARG A 105 -31.32 0.80 10.99
N ASP A 106 -32.40 1.44 11.43
CA ASP A 106 -33.50 1.81 10.53
C ASP A 106 -33.60 3.32 10.27
N ASP A 107 -32.62 4.07 10.79
CA ASP A 107 -32.72 5.52 10.83
C ASP A 107 -31.70 6.25 9.96
N LEU A 108 -31.07 5.54 9.03
CA LEU A 108 -29.98 6.14 8.26
C LEU A 108 -30.34 6.55 6.83
N ASP A 109 -31.64 6.51 6.50
CA ASP A 109 -32.15 7.04 5.23
C ASP A 109 -31.35 6.55 4.04
N ILE A 110 -31.10 5.24 3.98
CA ILE A 110 -30.09 4.75 3.05
C ILE A 110 -30.48 4.89 1.59
N LYS A 111 -31.78 4.83 1.29
CA LYS A 111 -32.20 4.94 -0.10
C LYS A 111 -32.06 6.36 -0.67
N THR A 112 -31.75 7.33 0.19
CA THR A 112 -31.46 8.69 -0.29
C THR A 112 -29.97 8.90 -0.53
N LYS A 113 -29.16 7.89 -0.21
CA LYS A 113 -27.70 8.03 -0.24
C LYS A 113 -27.12 7.61 -1.59
N ASP A 114 -26.17 8.38 -2.10
CA ASP A 114 -25.53 8.03 -3.35
C ASP A 114 -24.83 6.66 -3.28
N TRP A 115 -24.21 6.33 -2.15
CA TRP A 115 -23.50 5.05 -2.08
C TRP A 115 -24.46 3.89 -2.32
N TYR A 116 -25.71 4.06 -1.89
CA TYR A 116 -26.72 3.02 -2.05
C TYR A 116 -27.28 3.06 -3.47
N GLN A 117 -27.81 4.22 -3.85
N GLN A 117 -27.84 4.19 -3.89
CA GLN A 117 -28.43 4.42 -5.16
CA GLN A 117 -28.48 4.22 -5.20
C GLN A 117 -27.51 4.01 -6.30
C GLN A 117 -27.52 4.05 -6.38
N GLU A 118 -26.28 4.53 -6.26
CA GLU A 118 -25.34 4.35 -7.36
C GLU A 118 -24.85 2.91 -7.50
N ALA A 119 -24.74 2.20 -6.39
CA ALA A 119 -24.33 0.79 -6.45
C ALA A 119 -25.34 -0.06 -7.22
N LEU A 120 -26.62 0.35 -7.18
CA LEU A 120 -27.67 -0.36 -7.89
C LEU A 120 -27.69 -0.04 -9.38
N LYS A 121 -26.89 0.94 -9.80
CA LYS A 121 -26.91 1.39 -11.18
C LYS A 121 -25.67 0.93 -11.96
N THR A 122 -24.75 0.26 -11.26
CA THR A 122 -23.55 -0.25 -11.90
C THR A 122 -23.26 -1.66 -11.39
N ASN A 123 -22.57 -2.45 -12.20
CA ASN A 123 -22.09 -3.75 -11.76
C ASN A 123 -20.68 -3.68 -11.17
N ASP A 124 -20.08 -2.50 -11.20
CA ASP A 124 -18.79 -2.28 -10.56
C ASP A 124 -18.96 -1.80 -9.13
N ILE A 125 -17.84 -1.73 -8.43
CA ILE A 125 -17.78 -0.99 -7.17
C ILE A 125 -17.99 0.49 -7.49
N PHE A 126 -18.75 1.17 -6.64
CA PHE A 126 -18.91 2.61 -6.76
C PHE A 126 -18.05 3.29 -5.70
N VAL A 127 -17.38 4.37 -6.09
CA VAL A 127 -16.53 5.11 -5.18
C VAL A 127 -17.06 6.53 -5.05
N THR A 128 -17.46 6.91 -3.84
CA THR A 128 -18.02 8.25 -3.63
C THR A 128 -16.94 9.31 -3.54
N PRO A 129 -17.28 10.55 -3.88
CA PRO A 129 -16.44 11.66 -3.42
C PRO A 129 -16.40 11.66 -1.89
N ALA A 130 -15.40 12.31 -1.31
CA ALA A 130 -15.33 12.42 0.13
C ALA A 130 -16.53 13.19 0.67
N TYR A 131 -17.05 12.73 1.81
CA TYR A 131 -18.18 13.39 2.44
C TYR A 131 -18.18 13.10 3.95
N LEU A 132 -18.96 13.87 4.70
CA LEU A 132 -19.01 13.74 6.15
C LEU A 132 -19.95 12.59 6.53
N ASP A 133 -19.36 11.53 7.07
CA ASP A 133 -20.11 10.35 7.50
C ASP A 133 -21.17 10.74 8.53
N THR A 134 -22.38 10.23 8.33
CA THR A 134 -23.51 10.51 9.22
C THR A 134 -23.28 10.02 10.63
N VAL A 135 -22.69 8.85 10.77
CA VAL A 135 -22.63 8.19 12.08
C VAL A 135 -21.48 8.68 12.95
N LEU A 136 -20.29 8.77 12.37
CA LEU A 136 -19.10 9.14 13.15
C LEU A 136 -18.55 10.53 12.86
N LYS A 137 -19.17 11.24 11.92
CA LYS A 137 -18.81 12.64 11.63
C LYS A 137 -17.32 12.79 11.35
N GLN A 138 -16.81 11.90 10.50
CA GLN A 138 -15.50 12.05 9.91
C GLN A 138 -15.65 12.00 8.40
N TYR A 139 -14.75 12.67 7.69
CA TYR A 139 -14.79 12.63 6.24
C TYR A 139 -14.32 11.29 5.74
N VAL A 140 -15.14 10.67 4.89
CA VAL A 140 -14.85 9.35 4.36
C VAL A 140 -14.98 9.29 2.87
N ILE A 141 -14.29 8.32 2.29
CA ILE A 141 -14.55 7.86 0.94
C ILE A 141 -15.23 6.50 1.08
N THR A 142 -16.38 6.33 0.43
CA THR A 142 -17.15 5.10 0.52
C THR A 142 -17.00 4.27 -0.75
N TYR A 143 -16.74 2.99 -0.55
CA TYR A 143 -16.71 2.00 -1.62
C TYR A 143 -17.97 1.16 -1.43
N SER A 144 -18.84 1.13 -2.43
CA SER A 144 -20.06 0.35 -2.30
C SER A 144 -20.23 -0.64 -3.46
N LYS A 145 -21.00 -1.69 -3.21
CA LYS A 145 -21.13 -2.77 -4.19
C LYS A 145 -22.44 -3.50 -3.93
N ALA A 146 -23.29 -3.59 -4.95
CA ALA A 146 -24.49 -4.37 -4.85
C ALA A 146 -24.11 -5.84 -4.89
N ILE A 147 -24.60 -6.59 -3.89
N ILE A 147 -24.57 -6.59 -3.88
CA ILE A 147 -24.24 -8.00 -3.72
CA ILE A 147 -24.24 -8.01 -3.76
C ILE A 147 -25.37 -8.90 -4.23
C ILE A 147 -25.38 -8.85 -4.28
N TYR A 148 -25.06 -9.75 -5.20
CA TYR A 148 -26.05 -10.65 -5.79
C TYR A 148 -25.67 -12.09 -5.53
N LYS A 149 -26.66 -12.91 -5.27
CA LYS A 149 -26.45 -14.34 -5.15
C LYS A 149 -27.42 -15.01 -6.13
N ASP A 150 -26.89 -15.79 -7.07
CA ASP A 150 -27.71 -16.40 -8.12
C ASP A 150 -28.57 -15.36 -8.83
N GLY A 151 -28.03 -14.15 -9.03
CA GLY A 151 -28.77 -13.11 -9.74
C GLY A 151 -29.76 -12.33 -8.88
N LYS A 152 -29.86 -12.71 -7.62
CA LYS A 152 -30.77 -12.12 -6.66
C LYS A 152 -30.05 -11.12 -5.76
N ILE A 153 -30.53 -9.87 -5.71
N ILE A 153 -30.53 -9.88 -5.71
CA ILE A 153 -29.90 -8.85 -4.87
CA ILE A 153 -29.86 -8.90 -4.87
C ILE A 153 -30.07 -9.19 -3.39
C ILE A 153 -30.06 -9.19 -3.39
N ILE A 154 -28.96 -9.16 -2.64
CA ILE A 154 -29.02 -9.34 -1.22
C ILE A 154 -29.10 -7.97 -0.55
N GLY A 155 -28.20 -7.08 -0.95
CA GLY A 155 -28.19 -5.73 -0.44
C GLY A 155 -26.99 -5.00 -0.98
N VAL A 156 -26.75 -3.80 -0.50
CA VAL A 156 -25.61 -3.01 -0.93
C VAL A 156 -24.58 -2.94 0.17
N LEU A 157 -23.39 -3.46 -0.13
CA LEU A 157 -22.26 -3.39 0.79
C LEU A 157 -21.63 -2.01 0.75
N GLY A 158 -21.27 -1.46 1.90
CA GLY A 158 -20.51 -0.23 1.94
C GLY A 158 -19.32 -0.34 2.87
N VAL A 159 -18.23 0.32 2.47
CA VAL A 159 -16.99 0.38 3.23
C VAL A 159 -16.53 1.84 3.29
N ASP A 160 -16.46 2.42 4.49
CA ASP A 160 -16.04 3.80 4.69
C ASP A 160 -14.58 3.84 5.14
N ILE A 161 -13.74 4.48 4.33
CA ILE A 161 -12.34 4.71 4.67
C ILE A 161 -12.13 6.21 4.91
N PRO A 162 -11.48 6.59 6.04
CA PRO A 162 -11.25 8.03 6.23
C PRO A 162 -10.47 8.65 5.08
N SER A 163 -10.97 9.77 4.54
CA SER A 163 -10.25 10.44 3.47
C SER A 163 -8.86 10.93 3.94
N GLU A 164 -8.73 11.18 5.24
CA GLU A 164 -7.43 11.57 5.81
C GLU A 164 -6.37 10.49 5.52
N ASP A 165 -6.77 9.24 5.34
CA ASP A 165 -5.80 8.20 5.04
C ASP A 165 -5.10 8.47 3.72
N LEU A 166 -5.88 8.84 2.71
CA LEU A 166 -5.30 9.20 1.41
C LEU A 166 -4.54 10.50 1.50
N GLN A 167 -5.09 11.48 2.22
CA GLN A 167 -4.40 12.77 2.36
C GLN A 167 -3.02 12.58 2.97
N ASN A 168 -2.93 11.75 4.00
CA ASN A 168 -1.66 11.48 4.66
C ASN A 168 -0.68 10.77 3.75
N LEU A 169 -1.15 9.81 2.96
CA LEU A 169 -0.28 9.11 2.02
C LEU A 169 0.30 10.09 0.99
N VAL A 170 -0.54 10.96 0.45
CA VAL A 170 -0.06 11.91 -0.54
C VAL A 170 0.94 12.89 0.07
N ALA A 171 0.65 13.35 1.29
CA ALA A 171 1.51 14.33 1.91
C ALA A 171 2.93 13.82 2.12
N LYS A 172 3.07 12.52 2.36
CA LYS A 172 4.38 11.91 2.63
C LYS A 172 5.24 11.75 1.39
N THR A 173 4.65 11.87 0.21
CA THR A 173 5.38 11.63 -1.04
C THR A 173 6.44 12.70 -1.28
N PRO A 174 7.52 12.34 -2.00
CA PRO A 174 8.48 13.38 -2.37
C PRO A 174 7.89 14.38 -3.34
N GLY A 175 8.56 15.52 -3.46
CA GLY A 175 8.13 16.53 -4.39
C GLY A 175 7.00 17.39 -3.90
N ASN A 176 6.91 18.59 -4.46
CA ASN A 176 5.85 19.52 -4.13
C ASN A 176 4.59 19.11 -4.90
N THR A 177 4.01 17.98 -4.50
CA THR A 177 2.84 17.43 -5.17
C THR A 177 1.59 17.71 -4.37
N PHE A 178 0.46 17.75 -5.08
CA PHE A 178 -0.81 18.03 -4.45
C PHE A 178 -1.95 17.51 -5.32
N LEU A 179 -3.12 17.36 -4.71
CA LEU A 179 -4.30 16.82 -5.37
C LEU A 179 -5.44 17.80 -5.27
N PHE A 180 -6.16 17.99 -6.37
CA PHE A 180 -7.45 18.67 -6.36
C PHE A 180 -8.54 17.63 -6.46
N ASP A 181 -9.67 17.87 -5.79
CA ASP A 181 -10.81 16.98 -5.94
C ASP A 181 -11.60 17.33 -7.21
N GLN A 182 -12.75 16.68 -7.37
CA GLN A 182 -13.56 16.84 -8.58
C GLN A 182 -14.09 18.27 -8.77
N LYS A 183 -14.08 19.06 -7.72
CA LYS A 183 -14.53 20.45 -7.78
C LYS A 183 -13.38 21.44 -7.83
N ASN A 184 -12.19 20.93 -8.16
CA ASN A 184 -10.96 21.74 -8.20
C ASN A 184 -10.63 22.42 -6.88
N LYS A 185 -11.06 21.82 -5.77
N LYS A 185 -11.05 21.82 -5.78
CA LYS A 185 -10.66 22.28 -4.44
CA LYS A 185 -10.65 22.29 -4.45
C LYS A 185 -9.45 21.46 -4.02
C LYS A 185 -9.46 21.45 -4.00
N ILE A 186 -8.52 22.10 -3.31
CA ILE A 186 -7.34 21.39 -2.82
C ILE A 186 -7.80 20.30 -1.85
N PHE A 187 -7.25 19.09 -2.01
CA PHE A 187 -7.66 17.93 -1.25
C PHE A 187 -6.51 17.36 -0.40
N ALA A 188 -5.31 17.38 -0.97
CA ALA A 188 -4.13 16.86 -0.28
C ALA A 188 -2.90 17.59 -0.81
N ALA A 189 -1.87 17.70 0.01
CA ALA A 189 -0.65 18.36 -0.40
C ALA A 189 0.51 17.97 0.50
N THR A 190 1.71 17.89 -0.07
CA THR A 190 2.92 17.68 0.70
C THR A 190 3.24 18.89 1.59
N ASN A 191 3.06 20.09 1.05
CA ASN A 191 3.23 21.30 1.85
C ASN A 191 1.89 21.67 2.44
N LYS A 192 1.77 21.53 3.75
CA LYS A 192 0.47 21.70 4.42
C LYS A 192 -0.07 23.14 4.30
N GLU A 193 0.81 24.08 3.97
CA GLU A 193 0.38 25.48 3.81
C GLU A 193 -0.54 25.65 2.60
N LEU A 194 -0.41 24.75 1.63
CA LEU A 194 -1.25 24.78 0.44
C LEU A 194 -2.73 24.51 0.73
N LEU A 195 -3.02 24.08 1.96
CA LEU A 195 -4.38 23.71 2.34
C LEU A 195 -5.26 24.92 2.64
N ASN A 196 -4.65 26.11 2.68
CA ASN A 196 -5.39 27.35 2.85
C ASN A 196 -6.40 27.52 1.70
N PRO A 197 -7.70 27.48 2.03
CA PRO A 197 -8.77 27.48 1.03
C PRO A 197 -8.85 28.79 0.25
N SER A 198 -8.17 29.82 0.74
CA SER A 198 -8.16 31.12 0.09
C SER A 198 -7.06 31.26 -0.96
N ILE A 199 -6.19 30.26 -1.06
CA ILE A 199 -5.14 30.29 -2.06
C ILE A 199 -5.73 30.10 -3.46
N ASP A 200 -5.31 30.94 -4.41
CA ASP A 200 -5.77 30.82 -5.79
C ASP A 200 -4.91 29.85 -6.57
N HIS A 201 -5.54 29.03 -7.42
CA HIS A 201 -4.82 28.03 -8.18
C HIS A 201 -5.05 28.14 -9.68
N SER A 202 -5.68 29.23 -10.10
CA SER A 202 -5.92 29.50 -11.52
C SER A 202 -4.68 29.36 -12.41
N PRO A 203 -3.53 29.92 -11.98
CA PRO A 203 -2.34 29.80 -12.85
C PRO A 203 -1.98 28.35 -13.23
N VAL A 204 -1.85 27.47 -12.24
N VAL A 204 -1.86 27.47 -12.24
CA VAL A 204 -1.51 26.08 -12.54
CA VAL A 204 -1.51 26.09 -12.53
C VAL A 204 -2.67 25.38 -13.25
C VAL A 204 -2.66 25.37 -13.24
N LEU A 205 -3.90 25.67 -12.83
CA LEU A 205 -5.07 25.04 -13.45
C LEU A 205 -5.24 25.47 -14.89
N ASN A 206 -4.98 26.75 -15.17
CA ASN A 206 -5.04 27.25 -16.54
C ASN A 206 -3.90 26.70 -17.40
N ALA A 207 -2.72 26.57 -16.80
CA ALA A 207 -1.58 26.00 -17.50
C ALA A 207 -1.87 24.54 -17.84
N TYR A 208 -2.48 23.84 -16.90
CA TYR A 208 -2.84 22.43 -17.12
C TYR A 208 -3.84 22.25 -18.26
N LYS A 209 -4.88 23.09 -18.29
CA LYS A 209 -5.88 22.97 -19.36
C LYS A 209 -5.28 23.25 -20.74
N LEU A 210 -4.32 24.17 -20.80
CA LEU A 210 -3.62 24.48 -22.04
C LEU A 210 -2.72 23.33 -22.51
N ASN A 211 -2.11 22.63 -21.55
CA ASN A 211 -1.05 21.67 -21.89
C ASN A 211 -1.42 20.19 -21.85
N GLY A 212 -2.37 19.83 -20.99
CA GLY A 212 -2.82 18.45 -20.93
C GLY A 212 -2.06 17.59 -19.94
N ASP A 213 -2.47 16.32 -19.82
CA ASP A 213 -1.90 15.40 -18.84
C ASP A 213 -0.40 15.21 -19.03
N ASN A 214 0.34 15.38 -17.94
CA ASN A 214 1.76 15.05 -17.88
C ASN A 214 2.63 15.89 -18.80
N ASN A 215 2.12 17.05 -19.23
CA ASN A 215 2.89 17.95 -20.07
C ASN A 215 3.47 19.10 -19.26
N PHE A 216 4.79 19.10 -19.14
CA PHE A 216 5.53 20.06 -18.33
C PHE A 216 5.33 21.47 -18.89
N PHE A 217 5.05 22.42 -17.99
CA PHE A 217 4.78 23.80 -18.41
C PHE A 217 5.45 24.83 -17.50
N SER A 218 5.52 26.08 -17.94
CA SER A 218 5.93 27.17 -17.07
C SER A 218 4.75 28.10 -16.78
N TYR A 219 4.81 28.79 -15.64
CA TYR A 219 3.77 29.75 -15.25
C TYR A 219 4.36 30.75 -14.25
N LYS A 220 3.57 31.76 -13.89
CA LYS A 220 4.06 32.82 -13.01
C LYS A 220 3.38 32.87 -11.63
N LEU A 221 4.18 33.19 -10.62
CA LEU A 221 3.68 33.48 -9.28
C LEU A 221 4.42 34.70 -8.76
N ASN A 222 3.69 35.80 -8.54
CA ASN A 222 4.28 37.05 -8.10
C ASN A 222 5.44 37.48 -9.01
N ASN A 223 5.20 37.39 -10.32
CA ASN A 223 6.18 37.78 -11.34
C ASN A 223 7.44 36.90 -11.39
N GLU A 224 7.39 35.75 -10.71
CA GLU A 224 8.51 34.81 -10.74
C GLU A 224 8.12 33.56 -11.51
N GLU A 225 9.06 32.97 -12.25
CA GLU A 225 8.75 31.82 -13.08
C GLU A 225 8.75 30.52 -12.29
N ARG A 226 7.75 29.68 -12.54
CA ARG A 226 7.69 28.36 -11.95
C ARG A 226 7.45 27.32 -13.04
N LEU A 227 7.68 26.05 -12.72
CA LEU A 227 7.49 24.96 -13.66
C LEU A 227 6.59 23.91 -13.02
N GLY A 228 5.79 23.23 -13.81
CA GLY A 228 4.94 22.19 -13.24
C GLY A 228 4.29 21.27 -14.26
N ALA A 229 3.54 20.30 -13.75
CA ALA A 229 2.77 19.40 -14.59
C ALA A 229 1.62 18.88 -13.74
N CYS A 230 0.51 18.57 -14.40
CA CYS A 230 -0.65 17.97 -13.75
C CYS A 230 -1.14 16.80 -14.57
N THR A 231 -1.90 15.92 -13.94
CA THR A 231 -2.53 14.82 -14.65
C THR A 231 -3.80 14.40 -13.92
N LYS A 232 -4.76 13.90 -14.67
CA LYS A 232 -5.99 13.39 -14.10
C LYS A 232 -5.71 12.02 -13.51
N VAL A 233 -6.19 11.79 -12.29
CA VAL A 233 -6.12 10.48 -11.67
C VAL A 233 -7.52 10.22 -11.09
N PHE A 234 -8.29 9.39 -11.78
CA PHE A 234 -9.72 9.24 -11.51
C PHE A 234 -10.37 10.62 -11.55
N ALA A 235 -11.11 11.00 -10.52
CA ALA A 235 -11.73 12.32 -10.51
C ALA A 235 -10.83 13.41 -9.95
N TYR A 236 -9.62 13.03 -9.52
CA TYR A 236 -8.67 14.00 -8.98
C TYR A 236 -7.82 14.59 -10.07
N THR A 237 -7.23 15.74 -9.77
CA THR A 237 -6.14 16.28 -10.57
C THR A 237 -4.91 16.32 -9.67
N ALA A 238 -3.85 15.62 -10.10
CA ALA A 238 -2.59 15.59 -9.36
C ALA A 238 -1.63 16.55 -10.05
N CYS A 239 -0.94 17.37 -9.26
CA CYS A 239 0.01 18.34 -9.80
C CYS A 239 1.32 18.32 -9.05
N ILE A 240 2.37 18.80 -9.71
CA ILE A 240 3.64 19.11 -9.06
C ILE A 240 4.11 20.46 -9.61
N THR A 241 4.70 21.28 -8.75
CA THR A 241 5.30 22.55 -9.20
C THR A 241 6.61 22.82 -8.49
N GLU A 242 7.47 23.62 -9.11
CA GLU A 242 8.75 24.00 -8.55
C GLU A 242 9.14 25.37 -9.08
N SER A 243 10.08 26.02 -8.40
CA SER A 243 10.64 27.25 -8.92
C SER A 243 11.43 26.95 -10.19
N ALA A 244 11.42 27.90 -11.13
CA ALA A 244 12.20 27.77 -12.37
C ALA A 244 13.66 28.18 -12.18
N ASP A 245 14.05 28.49 -10.94
CA ASP A 245 15.43 28.88 -10.67
C ASP A 245 16.42 27.83 -11.13
N ILE A 246 16.02 26.57 -11.05
CA ILE A 246 16.86 25.44 -11.44
C ILE A 246 17.36 25.58 -12.89
N ILE A 247 16.55 26.16 -13.77
CA ILE A 247 16.98 26.37 -15.16
C ILE A 247 17.49 27.79 -15.44
N ASN A 248 17.09 28.75 -14.62
CA ASN A 248 17.43 30.15 -14.85
C ASN A 248 18.69 30.61 -14.14
N LYS A 249 19.03 29.94 -13.04
CA LYS A 249 20.28 30.20 -12.34
C LYS A 249 21.24 29.05 -12.59
N GLY B 1 42.19 14.66 -9.96
CA GLY B 1 41.58 15.53 -8.98
C GLY B 1 40.07 15.41 -8.97
N ILE B 2 39.40 16.46 -8.50
CA ILE B 2 37.95 16.49 -8.47
C ILE B 2 37.38 16.62 -9.88
N ASP B 3 36.40 15.78 -10.19
CA ASP B 3 35.66 15.82 -11.45
C ASP B 3 34.89 17.14 -11.54
N PRO B 4 35.23 17.98 -12.54
CA PRO B 4 34.56 19.29 -12.59
C PRO B 4 33.03 19.21 -12.70
N PHE B 5 32.51 18.11 -13.24
CA PHE B 5 31.07 18.01 -13.39
C PHE B 5 30.38 17.97 -12.04
N THR B 6 31.08 17.47 -11.03
CA THR B 6 30.50 17.37 -9.69
C THR B 6 30.24 18.71 -9.03
N LYS B 7 30.76 19.79 -9.63
CA LYS B 7 30.53 21.14 -9.12
C LYS B 7 29.36 21.83 -9.79
N THR B 8 28.69 21.14 -10.71
CA THR B 8 27.58 21.75 -11.45
C THR B 8 26.24 21.62 -10.71
N SER B 9 25.35 22.56 -10.98
CA SER B 9 24.00 22.49 -10.44
C SER B 9 23.24 21.29 -11.02
N LEU B 10 23.57 20.91 -12.26
CA LEU B 10 22.94 19.74 -12.86
C LEU B 10 23.30 18.48 -12.10
N TYR B 11 24.57 18.32 -11.74
CA TYR B 11 24.97 17.16 -10.95
C TYR B 11 24.27 17.15 -9.60
N GLU B 12 24.21 18.31 -8.96
CA GLU B 12 23.59 18.42 -7.65
C GLU B 12 22.12 18.00 -7.69
N SER B 13 21.39 18.52 -8.67
N SER B 13 21.40 18.51 -8.69
N SER B 13 21.41 18.51 -8.71
CA SER B 13 19.98 18.19 -8.75
CA SER B 13 19.98 18.22 -8.84
CA SER B 13 20.00 18.24 -8.88
C SER B 13 19.81 16.71 -9.10
C SER B 13 19.75 16.75 -9.20
C SER B 13 19.76 16.76 -9.21
N THR B 14 20.68 16.19 -9.96
CA THR B 14 20.61 14.78 -10.34
C THR B 14 20.74 13.86 -9.11
N LEU B 15 21.66 14.19 -8.22
CA LEU B 15 21.81 13.39 -7.02
C LEU B 15 20.62 13.56 -6.09
N LYS B 16 20.07 14.77 -6.01
CA LYS B 16 18.89 15.00 -5.20
C LYS B 16 17.74 14.14 -5.69
N ASN B 17 17.63 14.02 -7.01
N ASN B 17 17.57 14.04 -7.01
CA ASN B 17 16.56 13.26 -7.63
CA ASN B 17 16.49 13.22 -7.53
C ASN B 17 16.74 11.74 -7.43
C ASN B 17 16.75 11.73 -7.28
N GLN B 18 17.98 11.28 -7.47
CA GLN B 18 18.29 9.88 -7.18
C GLN B 18 18.00 9.56 -5.71
N THR B 19 18.31 10.51 -4.83
CA THR B 19 18.01 10.35 -3.41
C THR B 19 16.50 10.23 -3.20
N ASP B 20 15.74 11.09 -3.88
CA ASP B 20 14.28 11.01 -3.79
C ASP B 20 13.74 9.66 -4.25
N LEU B 21 14.27 9.16 -5.36
CA LEU B 21 13.79 7.87 -5.86
C LEU B 21 14.19 6.72 -4.96
N LEU B 22 15.39 6.76 -4.40
CA LEU B 22 15.76 5.74 -3.42
C LEU B 22 14.81 5.75 -2.23
N LYS B 23 14.43 6.95 -1.78
CA LYS B 23 13.51 7.06 -0.65
C LYS B 23 12.13 6.50 -0.99
N VAL B 24 11.69 6.62 -2.23
CA VAL B 24 10.41 5.99 -2.62
C VAL B 24 10.50 4.48 -2.43
N THR B 25 11.63 3.87 -2.81
CA THR B 25 11.79 2.44 -2.60
C THR B 25 11.87 2.09 -1.11
N GLN B 26 12.57 2.92 -0.34
CA GLN B 26 12.57 2.75 1.12
C GLN B 26 11.14 2.77 1.68
N SER B 27 10.35 3.77 1.26
CA SER B 27 8.97 3.88 1.71
C SER B 27 8.14 2.66 1.33
N THR B 28 8.41 2.11 0.16
CA THR B 28 7.69 0.92 -0.31
C THR B 28 7.90 -0.23 0.66
N VAL B 29 9.14 -0.45 1.07
CA VAL B 29 9.46 -1.50 2.02
C VAL B 29 8.82 -1.23 3.39
N GLU B 30 8.92 0.01 3.85
CA GLU B 30 8.38 0.37 5.16
C GLU B 30 6.85 0.19 5.21
N ASP B 31 6.18 0.60 4.15
CA ASP B 31 4.72 0.56 4.13
C ASP B 31 4.21 -0.88 4.02
N PHE B 32 4.91 -1.71 3.25
CA PHE B 32 4.57 -3.13 3.15
C PHE B 32 4.64 -3.76 4.54
N ARG B 33 5.73 -3.51 5.25
CA ARG B 33 5.89 -4.04 6.59
C ARG B 33 4.81 -3.55 7.57
N SER B 34 4.62 -2.24 7.61
N SER B 34 4.60 -2.25 7.62
N SER B 34 4.61 -2.24 7.61
CA SER B 34 3.67 -1.63 8.54
CA SER B 34 3.67 -1.66 8.59
CA SER B 34 3.66 -1.63 8.55
C SER B 34 2.26 -2.17 8.34
C SER B 34 2.22 -2.10 8.34
C SER B 34 2.25 -2.15 8.34
N THR B 35 1.84 -2.24 7.08
CA THR B 35 0.51 -2.73 6.75
C THR B 35 0.33 -4.17 7.22
N ASN B 36 1.33 -5.00 6.96
CA ASN B 36 1.23 -6.40 7.35
C ASN B 36 1.27 -6.58 8.86
N GLN B 37 2.07 -5.77 9.55
CA GLN B 37 2.10 -5.81 11.00
C GLN B 37 0.76 -5.41 11.60
N SER B 38 0.16 -4.35 11.08
N SER B 38 0.16 -4.36 11.08
CA SER B 38 -1.11 -3.89 11.59
CA SER B 38 -1.12 -3.90 11.64
C SER B 38 -2.20 -4.94 11.41
C SER B 38 -2.22 -4.94 11.41
N PHE B 39 -2.20 -5.57 10.23
CA PHE B 39 -3.14 -6.65 9.95
C PHE B 39 -3.00 -7.77 10.97
N THR B 40 -1.76 -8.16 11.23
CA THR B 40 -1.49 -9.28 12.13
C THR B 40 -1.91 -8.95 13.56
N ARG B 41 -1.67 -7.71 13.99
CA ARG B 41 -2.12 -7.26 15.31
C ARG B 41 -3.64 -7.28 15.44
N ALA B 42 -4.32 -6.84 14.39
CA ALA B 42 -5.78 -6.83 14.40
C ALA B 42 -6.32 -8.26 14.52
N LEU B 43 -5.72 -9.18 13.77
CA LEU B 43 -6.10 -10.58 13.81
C LEU B 43 -5.89 -11.16 15.22
N GLU B 44 -4.73 -10.89 15.82
CA GLU B 44 -4.48 -11.32 17.20
C GLU B 44 -5.58 -10.85 18.14
N LYS B 45 -5.95 -9.59 18.01
CA LYS B 45 -6.94 -8.99 18.91
C LYS B 45 -8.31 -9.67 18.74
N ASP B 46 -8.69 -9.96 17.50
CA ASP B 46 -9.97 -10.63 17.29
C ASP B 46 -9.94 -12.08 17.81
N ILE B 47 -8.82 -12.76 17.68
CA ILE B 47 -8.74 -14.11 18.23
C ILE B 47 -8.81 -14.09 19.76
N ALA B 48 -8.03 -13.19 20.37
CA ALA B 48 -8.00 -13.08 21.81
C ALA B 48 -9.30 -12.55 22.41
N ASN B 49 -10.14 -11.95 21.58
N ASN B 49 -10.15 -11.96 21.57
CA ASN B 49 -11.44 -11.49 22.04
CA ASN B 49 -11.46 -11.47 22.00
C ASN B 49 -12.42 -12.64 22.26
C ASN B 49 -12.49 -12.60 22.16
N LEU B 50 -12.18 -13.78 21.63
CA LEU B 50 -13.01 -14.95 21.84
C LEU B 50 -12.97 -15.32 23.32
N PRO B 51 -14.07 -15.85 23.85
CA PRO B 51 -14.02 -16.25 25.26
C PRO B 51 -12.99 -17.36 25.51
N TYR B 52 -12.41 -17.37 26.71
CA TYR B 52 -11.36 -18.32 27.06
C TYR B 52 -11.78 -19.76 26.75
N GLN B 53 -13.03 -20.10 27.05
CA GLN B 53 -13.55 -21.44 26.79
C GLN B 53 -13.54 -21.83 25.30
N SER B 54 -13.62 -20.82 24.42
CA SER B 54 -13.61 -21.07 22.99
C SER B 54 -12.20 -21.32 22.45
N LEU B 55 -11.21 -21.11 23.30
CA LEU B 55 -9.80 -21.16 22.88
C LEU B 55 -9.01 -22.32 23.46
N ILE B 56 -9.68 -23.20 24.22
CA ILE B 56 -8.94 -24.22 24.98
C ILE B 56 -9.21 -25.70 24.64
N THR B 57 -10.07 -25.96 23.66
CA THR B 57 -10.16 -27.31 23.10
C THR B 57 -9.96 -27.23 21.59
N GLU B 58 -9.47 -28.31 21.00
CA GLU B 58 -9.23 -28.33 19.56
C GLU B 58 -10.52 -28.10 18.77
N GLU B 59 -11.60 -28.73 19.19
CA GLU B 59 -12.90 -28.54 18.55
C GLU B 59 -13.32 -27.07 18.57
N ASN B 60 -13.21 -26.43 19.73
CA ASN B 60 -13.59 -25.03 19.84
C ASN B 60 -12.67 -24.12 19.01
N ILE B 61 -11.39 -24.44 18.99
CA ILE B 61 -10.45 -23.66 18.18
C ILE B 61 -10.81 -23.76 16.69
N ILE B 62 -11.03 -24.98 16.21
CA ILE B 62 -11.41 -25.17 14.81
C ILE B 62 -12.67 -24.36 14.49
N ASN B 63 -13.68 -24.50 15.33
CA ASN B 63 -14.97 -23.88 15.05
C ASN B 63 -15.01 -22.37 15.20
N ASN B 64 -14.23 -21.84 16.13
CA ASN B 64 -14.30 -20.41 16.45
C ASN B 64 -13.15 -19.60 15.88
N VAL B 65 -11.95 -20.15 15.86
CA VAL B 65 -10.81 -19.44 15.30
C VAL B 65 -10.79 -19.57 13.79
N GLY B 66 -11.17 -20.73 13.26
CA GLY B 66 -11.07 -20.96 11.83
C GLY B 66 -11.74 -19.92 10.95
N PRO B 67 -13.00 -19.57 11.23
CA PRO B 67 -13.65 -18.55 10.40
C PRO B 67 -12.89 -17.22 10.42
N ILE B 68 -12.32 -16.85 11.57
CA ILE B 68 -11.61 -15.58 11.65
C ILE B 68 -10.36 -15.62 10.76
N LEU B 69 -9.62 -16.73 10.80
CA LEU B 69 -8.44 -16.87 9.95
C LEU B 69 -8.82 -16.75 8.49
N LYS B 70 -9.92 -17.39 8.11
N LYS B 70 -9.91 -17.40 8.10
CA LYS B 70 -10.35 -17.39 6.73
CA LYS B 70 -10.34 -17.38 6.71
C LYS B 70 -10.77 -16.00 6.25
C LYS B 70 -10.76 -15.98 6.25
N TYR B 71 -11.57 -15.29 7.04
CA TYR B 71 -12.04 -13.98 6.63
C TYR B 71 -10.86 -13.01 6.55
N TYR B 72 -9.96 -13.09 7.53
CA TYR B 72 -8.79 -12.23 7.46
C TYR B 72 -7.91 -12.57 6.24
N ARG B 73 -7.70 -13.84 5.98
CA ARG B 73 -6.91 -14.23 4.81
C ARG B 73 -7.50 -13.63 3.53
N HIS B 74 -8.81 -13.75 3.38
CA HIS B 74 -9.46 -13.20 2.20
C HIS B 74 -9.32 -11.69 2.13
N SER B 75 -9.42 -11.03 3.27
CA SER B 75 -9.45 -9.57 3.26
C SER B 75 -8.19 -8.96 2.64
N ILE B 76 -7.06 -9.63 2.81
N ILE B 76 -7.02 -9.58 2.82
CA ILE B 76 -5.78 -9.12 2.32
CA ILE B 76 -5.81 -9.05 2.18
C ILE B 76 -5.15 -10.02 1.24
C ILE B 76 -5.20 -9.97 1.14
N ASN B 77 -5.83 -11.10 0.90
CA ASN B 77 -5.30 -12.11 -0.03
C ASN B 77 -3.95 -12.68 0.45
N ALA B 78 -3.85 -12.99 1.74
CA ALA B 78 -2.64 -13.63 2.25
C ALA B 78 -2.53 -15.06 1.70
N LEU B 79 -1.32 -15.63 1.72
CA LEU B 79 -1.14 -16.98 1.21
C LEU B 79 -1.63 -18.02 2.22
N ASN B 80 -1.17 -17.88 3.46
CA ASN B 80 -1.54 -18.77 4.56
C ASN B 80 -1.80 -17.90 5.78
N VAL B 81 -2.81 -18.24 6.55
CA VAL B 81 -3.06 -17.61 7.85
C VAL B 81 -3.35 -18.76 8.81
N TYR B 82 -2.68 -18.80 9.96
CA TYR B 82 -2.72 -19.99 10.79
C TYR B 82 -2.48 -19.74 12.26
N LEU B 83 -2.93 -20.67 13.07
CA LEU B 83 -2.65 -20.68 14.50
C LEU B 83 -1.93 -21.97 14.86
N GLY B 84 -0.66 -21.85 15.26
CA GLY B 84 0.10 -23.00 15.72
C GLY B 84 -0.08 -23.25 17.20
N LEU B 85 -0.37 -24.49 17.57
CA LEU B 85 -0.60 -24.85 18.98
C LEU B 85 0.62 -25.50 19.64
N ASN B 86 0.67 -25.50 20.98
CA ASN B 86 1.78 -26.13 21.69
C ASN B 86 1.85 -27.63 21.47
N ASN B 87 0.72 -28.26 21.17
CA ASN B 87 0.73 -29.69 20.90
C ASN B 87 1.28 -30.00 19.52
N GLY B 88 1.64 -28.94 18.79
CA GLY B 88 2.30 -29.09 17.50
C GLY B 88 1.36 -29.02 16.33
N LYS B 89 0.06 -29.08 16.59
CA LYS B 89 -0.93 -29.01 15.53
C LYS B 89 -1.07 -27.55 15.09
N VAL B 90 -1.53 -27.36 13.85
N VAL B 90 -1.52 -27.36 13.84
CA VAL B 90 -1.72 -26.00 13.36
CA VAL B 90 -1.75 -26.02 13.33
C VAL B 90 -3.05 -25.90 12.63
C VAL B 90 -3.08 -25.92 12.64
N LEU B 91 -3.83 -24.87 12.96
CA LEU B 91 -5.06 -24.61 12.27
C LEU B 91 -4.72 -23.71 11.09
N LEU B 92 -4.86 -24.23 9.88
CA LEU B 92 -4.35 -23.61 8.67
C LEU B 92 -5.43 -23.18 7.69
N SER B 93 -5.48 -21.88 7.40
CA SER B 93 -6.33 -21.35 6.35
C SER B 93 -5.48 -21.02 5.12
N GLN B 94 -5.80 -21.66 3.99
CA GLN B 94 -5.13 -21.39 2.72
C GLN B 94 -6.09 -21.69 1.54
N LYS B 95 -5.75 -21.22 0.34
CA LYS B 95 -6.47 -21.55 -0.90
C LYS B 95 -6.66 -23.06 -1.05
N SER B 96 -7.92 -23.48 -1.19
CA SER B 96 -8.32 -24.87 -1.43
C SER B 96 -9.82 -25.02 -1.25
N ALA B 99 -11.95 -23.01 -0.20
CA ALA B 99 -13.24 -23.70 -0.22
C ALA B 99 -13.65 -24.20 1.17
N LYS B 100 -13.09 -25.34 1.57
CA LYS B 100 -13.39 -25.92 2.88
C LYS B 100 -12.95 -25.00 4.02
N MET B 101 -13.38 -25.31 5.23
CA MET B 101 -12.95 -24.54 6.39
C MET B 101 -11.54 -24.94 6.80
N PRO B 102 -10.83 -24.03 7.50
CA PRO B 102 -9.50 -24.36 8.00
C PRO B 102 -9.51 -25.64 8.83
N GLU B 103 -8.50 -26.46 8.66
CA GLU B 103 -8.38 -27.71 9.39
C GLU B 103 -7.06 -27.77 10.14
N LEU B 104 -6.98 -28.69 11.08
CA LEU B 104 -5.77 -28.94 11.84
C LEU B 104 -4.82 -29.84 11.05
N ARG B 105 -3.59 -29.39 10.92
CA ARG B 105 -2.53 -30.21 10.33
C ARG B 105 -1.62 -30.63 11.48
N ASP B 106 -1.20 -31.90 11.50
CA ASP B 106 -0.36 -32.35 12.61
C ASP B 106 1.08 -32.67 12.21
N ASP B 107 1.43 -32.43 10.96
CA ASP B 107 2.72 -32.87 10.42
C ASP B 107 3.60 -31.75 9.87
N LEU B 108 3.48 -30.54 10.42
CA LEU B 108 4.23 -29.40 9.87
C LEU B 108 5.44 -28.96 10.71
N ASP B 109 5.75 -29.73 11.77
CA ASP B 109 6.96 -29.53 12.56
C ASP B 109 7.14 -28.11 13.08
N ILE B 110 6.11 -27.56 13.70
CA ILE B 110 6.12 -26.12 13.96
C ILE B 110 6.95 -25.67 15.16
N LYS B 111 7.06 -26.51 16.19
CA LYS B 111 7.66 -26.08 17.45
C LYS B 111 9.15 -25.79 17.36
N THR B 112 9.77 -26.22 16.27
CA THR B 112 11.19 -25.95 16.08
C THR B 112 11.42 -24.90 15.00
N LYS B 113 10.35 -24.24 14.57
CA LYS B 113 10.46 -23.21 13.53
C LYS B 113 10.62 -21.81 14.09
N ASP B 114 11.35 -20.97 13.37
CA ASP B 114 11.67 -19.63 13.84
C ASP B 114 10.43 -18.77 14.06
N TRP B 115 9.48 -18.82 13.13
CA TRP B 115 8.27 -18.00 13.29
C TRP B 115 7.55 -18.36 14.57
N TYR B 116 7.66 -19.63 14.95
CA TYR B 116 7.01 -20.09 16.17
C TYR B 116 7.85 -19.73 17.39
N GLN B 117 9.10 -20.17 17.40
CA GLN B 117 9.94 -19.96 18.56
C GLN B 117 10.23 -18.50 18.86
N GLU B 118 10.43 -17.69 17.82
CA GLU B 118 10.76 -16.29 18.05
C GLU B 118 9.57 -15.50 18.59
N ALA B 119 8.36 -15.89 18.20
CA ALA B 119 7.16 -15.22 18.67
C ALA B 119 6.98 -15.41 20.17
N LEU B 120 7.43 -16.55 20.68
CA LEU B 120 7.32 -16.87 22.10
C LEU B 120 8.38 -16.15 22.93
N LYS B 121 9.39 -15.60 22.27
CA LYS B 121 10.46 -14.89 22.96
C LYS B 121 10.24 -13.40 23.02
N THR B 122 9.16 -12.93 22.39
CA THR B 122 8.92 -11.50 22.29
C THR B 122 7.44 -11.13 22.40
N ASN B 123 7.21 -9.92 22.88
CA ASN B 123 5.89 -9.32 22.92
C ASN B 123 5.51 -8.84 21.53
N ASP B 124 6.52 -8.78 20.66
CA ASP B 124 6.37 -8.13 19.38
C ASP B 124 5.93 -9.08 18.28
N ILE B 125 5.52 -8.51 17.17
CA ILE B 125 5.40 -9.27 15.95
C ILE B 125 6.81 -9.63 15.52
N PHE B 126 6.99 -10.89 15.14
CA PHE B 126 8.24 -11.33 14.55
C PHE B 126 8.08 -11.38 13.04
N VAL B 127 9.06 -10.83 12.33
CA VAL B 127 9.06 -10.87 10.89
C VAL B 127 10.22 -11.75 10.44
N THR B 128 9.93 -12.85 9.76
CA THR B 128 10.98 -13.74 9.32
C THR B 128 11.66 -13.21 8.07
N PRO B 129 12.92 -13.61 7.86
CA PRO B 129 13.48 -13.49 6.52
C PRO B 129 12.64 -14.33 5.57
N ALA B 130 12.69 -14.03 4.29
CA ALA B 130 11.94 -14.82 3.32
C ALA B 130 12.45 -16.26 3.28
N TYR B 131 11.53 -17.19 3.13
CA TYR B 131 11.87 -18.61 3.04
C TYR B 131 10.81 -19.36 2.24
N LEU B 132 11.15 -20.56 1.82
CA LEU B 132 10.23 -21.37 1.04
C LEU B 132 9.15 -21.98 1.92
N ASP B 133 7.91 -21.53 1.72
CA ASP B 133 6.77 -22.09 2.47
C ASP B 133 6.75 -23.61 2.42
N THR B 134 6.60 -24.24 3.59
CA THR B 134 6.57 -25.70 3.70
C THR B 134 5.47 -26.33 2.84
N VAL B 135 4.30 -25.70 2.80
CA VAL B 135 3.18 -26.32 2.12
C VAL B 135 3.10 -25.95 0.64
N LEU B 136 2.96 -24.66 0.35
CA LEU B 136 2.66 -24.23 -1.02
C LEU B 136 3.91 -23.95 -1.85
N LYS B 137 5.07 -24.04 -1.22
CA LYS B 137 6.35 -23.94 -1.94
C LYS B 137 6.48 -22.63 -2.72
N GLN B 138 6.05 -21.55 -2.10
CA GLN B 138 6.34 -20.21 -2.59
C GLN B 138 7.16 -19.52 -1.53
N TYR B 139 8.03 -18.60 -1.95
CA TYR B 139 8.79 -17.82 -0.99
C TYR B 139 7.86 -16.86 -0.28
N VAL B 140 7.92 -16.87 1.04
CA VAL B 140 7.03 -16.03 1.85
C VAL B 140 7.82 -15.30 2.93
N ILE B 141 7.25 -14.18 3.35
CA ILE B 141 7.64 -13.52 4.58
C ILE B 141 6.53 -13.80 5.57
N THR B 142 6.91 -14.25 6.77
CA THR B 142 5.94 -14.58 7.80
C THR B 142 5.95 -13.55 8.92
N TYR B 143 4.75 -13.12 9.30
CA TYR B 143 4.55 -12.25 10.44
C TYR B 143 3.93 -13.11 11.50
N SER B 144 4.55 -13.22 12.67
CA SER B 144 3.99 -14.07 13.71
C SER B 144 3.85 -13.34 15.04
N LYS B 145 2.94 -13.84 15.86
CA LYS B 145 2.67 -13.22 17.14
C LYS B 145 2.09 -14.25 18.09
N ALA B 146 2.64 -14.32 19.29
CA ALA B 146 2.11 -15.21 20.30
C ALA B 146 0.77 -14.66 20.76
N ILE B 147 -0.22 -15.53 20.86
N ILE B 147 -0.22 -15.53 20.86
CA ILE B 147 -1.55 -15.13 21.28
CA ILE B 147 -1.55 -15.13 21.28
C ILE B 147 -1.78 -15.57 22.72
C ILE B 147 -1.79 -15.57 22.70
N TYR B 148 -2.12 -14.61 23.57
CA TYR B 148 -2.42 -14.90 24.96
C TYR B 148 -3.87 -14.59 25.27
N LYS B 149 -4.46 -15.39 26.16
CA LYS B 149 -5.79 -15.15 26.67
C LYS B 149 -5.71 -15.23 28.19
N ASP B 150 -6.07 -14.15 28.88
CA ASP B 150 -5.98 -14.07 30.33
C ASP B 150 -4.58 -14.47 30.79
N GLY B 151 -3.59 -14.02 30.03
CA GLY B 151 -2.20 -14.26 30.36
C GLY B 151 -1.64 -15.62 30.00
N LYS B 152 -2.47 -16.48 29.42
CA LYS B 152 -2.07 -17.84 29.09
C LYS B 152 -1.86 -18.01 27.59
N ILE B 153 -0.75 -18.64 27.23
CA ILE B 153 -0.46 -18.87 25.82
C ILE B 153 -1.49 -19.78 25.18
N ILE B 154 -2.07 -19.32 24.07
CA ILE B 154 -3.00 -20.12 23.30
C ILE B 154 -2.27 -20.76 22.11
N GLY B 155 -1.36 -20.00 21.51
CA GLY B 155 -0.62 -20.51 20.39
C GLY B 155 0.06 -19.35 19.70
N VAL B 156 0.63 -19.63 18.54
CA VAL B 156 1.31 -18.60 17.77
C VAL B 156 0.59 -18.40 16.44
N LEU B 157 0.13 -17.17 16.23
CA LEU B 157 -0.48 -16.77 14.96
C LEU B 157 0.60 -16.52 13.93
N GLY B 158 0.38 -17.00 12.71
CA GLY B 158 1.26 -16.71 11.60
C GLY B 158 0.48 -16.25 10.38
N VAL B 159 1.07 -15.28 9.68
CA VAL B 159 0.53 -14.76 8.42
C VAL B 159 1.63 -14.80 7.38
N ASP B 160 1.41 -15.52 6.28
CA ASP B 160 2.40 -15.63 5.22
C ASP B 160 1.99 -14.77 4.05
N ILE B 161 2.86 -13.84 3.68
CA ILE B 161 2.67 -13.00 2.50
C ILE B 161 3.78 -13.36 1.49
N PRO B 162 3.41 -13.68 0.23
CA PRO B 162 4.47 -14.02 -0.72
C PRO B 162 5.47 -12.87 -0.87
N SER B 163 6.76 -13.21 -0.82
CA SER B 163 7.77 -12.18 -1.01
C SER B 163 7.67 -11.56 -2.41
N GLU B 164 7.09 -12.30 -3.35
CA GLU B 164 6.82 -11.79 -4.68
C GLU B 164 5.93 -10.53 -4.65
N ASP B 165 5.09 -10.40 -3.62
CA ASP B 165 4.28 -9.19 -3.50
C ASP B 165 5.15 -7.96 -3.29
N LEU B 166 6.20 -8.09 -2.48
CA LEU B 166 7.10 -6.97 -2.26
C LEU B 166 7.94 -6.73 -3.51
N GLN B 167 8.38 -7.79 -4.18
N GLN B 167 8.34 -7.82 -4.16
CA GLN B 167 9.12 -7.62 -5.44
CA GLN B 167 9.10 -7.74 -5.39
C GLN B 167 8.28 -6.85 -6.44
C GLN B 167 8.32 -6.96 -6.46
N ASN B 168 7.02 -7.23 -6.56
CA ASN B 168 6.16 -6.56 -7.51
C ASN B 168 5.98 -5.07 -7.22
N LEU B 169 5.87 -4.73 -5.94
CA LEU B 169 5.79 -3.34 -5.53
C LEU B 169 7.07 -2.57 -5.89
N VAL B 170 8.23 -3.16 -5.60
CA VAL B 170 9.49 -2.50 -5.91
C VAL B 170 9.63 -2.30 -7.42
N ALA B 171 9.26 -3.31 -8.20
CA ALA B 171 9.41 -3.23 -9.65
C ALA B 171 8.63 -2.07 -10.28
N LYS B 172 7.58 -1.62 -9.62
CA LYS B 172 6.76 -0.54 -10.16
C LYS B 172 7.29 0.85 -9.82
N THR B 173 8.26 0.91 -8.91
CA THR B 173 8.77 2.20 -8.50
C THR B 173 9.67 2.81 -9.57
N PRO B 174 9.69 4.15 -9.65
CA PRO B 174 10.65 4.81 -10.55
C PRO B 174 12.10 4.56 -10.14
N GLY B 175 13.01 4.82 -11.07
CA GLY B 175 14.42 4.68 -10.78
C GLY B 175 14.91 3.25 -10.85
N ASN B 176 16.21 3.11 -11.08
CA ASN B 176 16.85 1.80 -11.10
C ASN B 176 17.16 1.37 -9.68
N THR B 177 16.10 1.03 -8.95
CA THR B 177 16.22 0.67 -7.54
C THR B 177 16.09 -0.83 -7.35
N PHE B 178 16.72 -1.32 -6.29
CA PHE B 178 16.73 -2.75 -6.00
C PHE B 178 17.01 -2.98 -4.52
N LEU B 179 16.72 -4.20 -4.07
CA LEU B 179 16.86 -4.58 -2.67
C LEU B 179 17.73 -5.82 -2.53
N PHE B 180 18.60 -5.80 -1.52
CA PHE B 180 19.31 -7.00 -1.08
C PHE B 180 18.71 -7.47 0.23
N ASP B 181 18.70 -8.79 0.44
CA ASP B 181 18.25 -9.31 1.71
C ASP B 181 19.35 -9.26 2.78
N GLN B 182 19.05 -9.82 3.93
CA GLN B 182 19.94 -9.77 5.09
C GLN B 182 21.27 -10.47 4.86
N LYS B 183 21.32 -11.38 3.90
CA LYS B 183 22.54 -12.09 3.56
C LYS B 183 23.25 -11.45 2.36
N ASN B 184 22.83 -10.24 2.03
CA ASN B 184 23.41 -9.48 0.91
C ASN B 184 23.20 -10.19 -0.43
N LYS B 185 22.08 -10.89 -0.54
CA LYS B 185 21.70 -11.51 -1.79
C LYS B 185 20.58 -10.70 -2.43
N ILE B 186 20.63 -10.56 -3.74
CA ILE B 186 19.63 -9.77 -4.46
C ILE B 186 18.23 -10.35 -4.19
N PHE B 187 17.26 -9.46 -3.95
CA PHE B 187 15.94 -9.86 -3.47
C PHE B 187 14.82 -9.31 -4.35
N ALA B 188 14.94 -8.03 -4.73
CA ALA B 188 13.93 -7.38 -5.57
C ALA B 188 14.62 -6.35 -6.47
N ALA B 189 14.05 -6.08 -7.64
CA ALA B 189 14.64 -5.11 -8.56
C ALA B 189 13.62 -4.53 -9.55
N THR B 190 13.78 -3.26 -9.88
CA THR B 190 12.97 -2.62 -10.92
C THR B 190 13.27 -3.23 -12.28
N ASN B 191 14.55 -3.39 -12.55
CA ASN B 191 15.00 -4.11 -13.73
C ASN B 191 15.13 -5.57 -13.34
N LYS B 192 14.14 -6.38 -13.73
CA LYS B 192 14.08 -7.77 -13.28
C LYS B 192 15.26 -8.61 -13.75
N GLU B 193 16.04 -8.08 -14.69
CA GLU B 193 17.29 -8.73 -15.09
C GLU B 193 18.32 -8.80 -13.96
N LEU B 194 18.27 -7.84 -13.05
CA LEU B 194 19.19 -7.82 -11.90
C LEU B 194 18.98 -9.00 -10.97
N LEU B 195 17.87 -9.70 -11.13
CA LEU B 195 17.56 -10.84 -10.28
C LEU B 195 18.29 -12.11 -10.70
N ASN B 196 18.76 -12.12 -11.94
CA ASN B 196 19.45 -13.29 -12.45
C ASN B 196 20.75 -13.53 -11.68
N PRO B 197 20.98 -14.78 -11.26
CA PRO B 197 22.15 -15.16 -10.45
C PRO B 197 23.48 -14.80 -11.11
N SER B 198 23.51 -14.66 -12.42
CA SER B 198 24.76 -14.37 -13.13
C SER B 198 25.22 -12.92 -13.00
N ILE B 199 24.37 -12.05 -12.45
CA ILE B 199 24.73 -10.65 -12.23
C ILE B 199 25.63 -10.52 -11.01
N ASP B 200 26.75 -9.83 -11.19
CA ASP B 200 27.72 -9.63 -10.11
C ASP B 200 27.40 -8.38 -9.30
N HIS B 201 26.92 -8.58 -8.07
CA HIS B 201 26.58 -7.47 -7.20
C HIS B 201 27.69 -7.06 -6.23
N SER B 202 28.82 -7.75 -6.29
N SER B 202 28.82 -7.74 -6.30
CA SER B 202 29.96 -7.42 -5.45
CA SER B 202 29.93 -7.39 -5.41
C SER B 202 30.42 -5.95 -5.57
C SER B 202 30.50 -5.96 -5.57
N PRO B 203 30.57 -5.43 -6.80
CA PRO B 203 31.03 -4.04 -6.88
C PRO B 203 30.14 -3.03 -6.14
N VAL B 204 28.82 -3.13 -6.27
CA VAL B 204 27.96 -2.16 -5.60
C VAL B 204 28.00 -2.36 -4.08
N LEU B 205 28.00 -3.61 -3.63
CA LEU B 205 28.02 -3.89 -2.20
C LEU B 205 29.32 -3.45 -1.54
N ASN B 206 30.44 -3.70 -2.21
CA ASN B 206 31.75 -3.29 -1.69
C ASN B 206 31.83 -1.78 -1.57
N ALA B 207 31.30 -1.07 -2.56
CA ALA B 207 31.34 0.37 -2.53
C ALA B 207 30.42 0.90 -1.43
N TYR B 208 29.24 0.31 -1.29
CA TYR B 208 28.34 0.71 -0.22
C TYR B 208 28.99 0.56 1.16
N LYS B 209 29.73 -0.52 1.36
CA LYS B 209 30.39 -0.76 2.64
C LYS B 209 31.37 0.37 3.00
N LEU B 210 32.00 0.96 2.00
CA LEU B 210 32.94 2.07 2.22
C LEU B 210 32.23 3.39 2.53
N ASN B 211 30.97 3.52 2.12
CA ASN B 211 30.34 4.84 2.06
C ASN B 211 29.19 5.15 3.03
N GLY B 212 28.47 4.13 3.49
CA GLY B 212 27.36 4.38 4.38
C GLY B 212 26.09 4.90 3.71
N ASP B 213 25.04 5.02 4.51
CA ASP B 213 23.69 5.24 4.00
C ASP B 213 23.48 6.57 3.26
N ASN B 214 22.92 6.48 2.07
N ASN B 214 22.92 6.46 2.06
CA ASN B 214 22.54 7.64 1.25
CA ASN B 214 22.56 7.60 1.21
C ASN B 214 23.70 8.50 0.79
C ASN B 214 23.70 8.42 0.64
N ASN B 215 24.92 7.96 0.87
CA ASN B 215 26.10 8.66 0.35
C ASN B 215 26.46 8.09 -1.01
N PHE B 216 26.53 8.95 -2.01
CA PHE B 216 26.81 8.48 -3.36
C PHE B 216 28.25 8.05 -3.55
N PHE B 217 28.43 6.99 -4.33
CA PHE B 217 29.75 6.45 -4.61
C PHE B 217 29.90 6.03 -6.07
N SER B 218 31.13 6.03 -6.55
CA SER B 218 31.45 5.48 -7.86
C SER B 218 31.84 4.02 -7.72
N TYR B 219 31.48 3.24 -8.73
CA TYR B 219 31.90 1.85 -8.79
C TYR B 219 31.87 1.42 -10.25
N LYS B 220 32.43 0.25 -10.54
CA LYS B 220 32.42 -0.25 -11.92
C LYS B 220 31.98 -1.70 -12.01
N LEU B 221 31.26 -2.02 -13.07
CA LEU B 221 30.96 -3.39 -13.40
C LEU B 221 31.09 -3.58 -14.92
N ASN B 222 31.74 -4.65 -15.33
CA ASN B 222 31.97 -4.93 -16.75
C ASN B 222 32.60 -3.74 -17.47
N ASN B 223 33.55 -3.09 -16.81
CA ASN B 223 34.23 -1.92 -17.35
C ASN B 223 33.35 -0.70 -17.64
N GLU B 224 32.20 -0.62 -16.96
CA GLU B 224 31.35 0.57 -17.04
C GLU B 224 31.34 1.29 -15.70
N GLU B 225 31.70 2.58 -15.72
CA GLU B 225 31.61 3.40 -14.52
C GLU B 225 30.16 3.70 -14.18
N ARG B 226 29.84 3.59 -12.89
CA ARG B 226 28.48 3.82 -12.42
C ARG B 226 28.50 4.64 -11.13
N LEU B 227 27.34 5.16 -10.77
CA LEU B 227 27.17 5.90 -9.52
C LEU B 227 26.02 5.25 -8.78
N GLY B 228 26.20 5.08 -7.48
CA GLY B 228 25.16 4.44 -6.68
C GLY B 228 25.03 5.04 -5.30
N ALA B 229 23.91 4.74 -4.65
CA ALA B 229 23.75 5.01 -3.23
C ALA B 229 22.87 3.92 -2.67
N CYS B 230 23.13 3.51 -1.44
CA CYS B 230 22.30 2.50 -0.80
C CYS B 230 21.96 2.94 0.62
N THR B 231 20.95 2.31 1.20
CA THR B 231 20.60 2.56 2.58
C THR B 231 19.99 1.31 3.20
N LYS B 232 20.16 1.16 4.51
CA LYS B 232 19.53 0.05 5.21
C LYS B 232 18.06 0.36 5.42
N VAL B 233 17.23 -0.64 5.18
CA VAL B 233 15.80 -0.55 5.47
C VAL B 233 15.43 -1.84 6.18
N PHE B 234 15.30 -1.76 7.50
CA PHE B 234 15.26 -2.95 8.34
C PHE B 234 16.44 -3.88 7.98
N ALA B 235 16.18 -5.14 7.68
CA ALA B 235 17.28 -6.05 7.37
C ALA B 235 17.74 -5.94 5.91
N TYR B 236 16.97 -5.23 5.08
CA TYR B 236 17.27 -5.11 3.66
C TYR B 236 18.26 -3.99 3.41
N THR B 237 18.91 -4.07 2.26
CA THR B 237 19.66 -2.93 1.74
C THR B 237 18.98 -2.49 0.45
N ALA B 238 18.56 -1.23 0.40
CA ALA B 238 17.96 -0.65 -0.80
C ALA B 238 19.01 0.19 -1.50
N CYS B 239 19.10 0.03 -2.83
CA CYS B 239 20.08 0.78 -3.62
C CYS B 239 19.44 1.40 -4.85
N ILE B 240 20.08 2.46 -5.35
CA ILE B 240 19.77 3.01 -6.67
C ILE B 240 21.11 3.21 -7.38
N THR B 241 21.18 2.84 -8.65
CA THR B 241 22.40 3.06 -9.39
C THR B 241 22.10 3.55 -10.80
N GLU B 242 23.07 4.24 -11.39
CA GLU B 242 22.94 4.73 -12.74
C GLU B 242 24.30 4.72 -13.41
N SER B 243 24.31 4.58 -14.73
CA SER B 243 25.54 4.73 -15.50
C SER B 243 26.12 6.13 -15.33
N ALA B 244 27.45 6.22 -15.19
CA ALA B 244 28.12 7.51 -15.11
C ALA B 244 27.84 8.36 -16.35
N ASP B 245 27.63 7.68 -17.48
CA ASP B 245 27.35 8.34 -18.75
C ASP B 245 25.90 8.81 -18.87
N ILE B 246 25.05 8.43 -17.91
N ILE B 246 25.05 8.43 -17.92
CA ILE B 246 23.71 8.99 -17.84
CA ILE B 246 23.70 8.99 -17.85
C ILE B 246 23.70 10.15 -16.85
C ILE B 246 23.70 10.15 -16.85
N ILE B 247 24.45 9.99 -15.76
CA ILE B 247 24.62 11.08 -14.79
C ILE B 247 25.25 12.30 -15.48
N ASN B 248 26.29 12.04 -16.27
CA ASN B 248 27.00 13.08 -17.01
C ASN B 248 27.04 12.63 -18.46
N LYS B 249 26.07 13.09 -19.24
CA LYS B 249 25.94 12.65 -20.61
C LYS B 249 27.05 13.21 -21.49
N PRO B 250 27.90 12.34 -22.04
CA PRO B 250 29.02 12.90 -22.79
C PRO B 250 28.61 13.52 -24.12
N ILE B 251 29.27 14.59 -24.52
CA ILE B 251 28.98 15.20 -25.79
C ILE B 251 29.37 14.27 -26.95
N TYR B 252 30.43 13.49 -26.73
CA TYR B 252 30.88 12.48 -27.69
C TYR B 252 30.83 11.11 -27.02
N LYS B 253 29.99 10.23 -27.55
CA LYS B 253 29.85 8.89 -26.95
C LYS B 253 31.05 8.02 -27.30
N ALA B 254 31.40 7.13 -26.40
CA ALA B 254 32.56 6.26 -26.58
C ALA B 254 32.40 5.33 -27.76
#